data_2HJS
#
_entry.id   2HJS
#
_cell.length_a   177.438
_cell.length_b   177.438
_cell.length_c   58.173
_cell.angle_alpha   90.00
_cell.angle_beta   90.00
_cell.angle_gamma   120.00
#
_symmetry.space_group_name_H-M   'P 61 2 2'
#
loop_
_entity.id
_entity.type
_entity.pdbx_description
1 polymer 'USG-1 protein homolog'
2 non-polymer '1,4-DIETHYLENE DIOXIDE'
3 water water
#
_entity_poly.entity_id   1
_entity_poly.type   'polypeptide(L)'
_entity_poly.pdbx_seq_one_letter_code
;GH(MSE)SQPLNVAVVGATGSVGEALVGLLDERDFPLHRLHLLASAESAGQR(MSE)GFAESSLRVGDVDSFDFSSVGLA
FFAAAAEVSRAHAERARAAGCSVIDLSGALEPSVAPPV(MSE)VSVNAERLASQAAPFLLSSPCAVAAELCEVLAPLLAT
LDCRQLNLTACLSVSSLGREGVKELARQTAELLNARPLEPRLFDRQIAFNLLAQVGAVDAEGHSAIERRIFAEVQALLGE
RIGPLNVTCIQAPVFFGDSLSVTLQCAEPVDLAAVTRVLDATKGIEWVGEGDYPTVVGDALGQDETYVGRVRAGQADPCQ
VNLWIVSDNVRKGAALNAVLLGELLIKHYLGS
;
_entity_poly.pdbx_strand_id   A
#
loop_
_chem_comp.id
_chem_comp.type
_chem_comp.name
_chem_comp.formula
DIO non-polymer '1,4-DIETHYLENE DIOXIDE' 'C4 H8 O2'
#
# COMPACT_ATOMS: atom_id res chain seq x y z
N GLN A 5 -12.83 -1.85 -27.23
CA GLN A 5 -14.20 -2.17 -26.74
C GLN A 5 -14.22 -3.09 -25.49
N PRO A 6 -14.15 -4.44 -25.66
CA PRO A 6 -14.06 -5.28 -24.45
C PRO A 6 -12.74 -5.09 -23.67
N LEU A 7 -12.81 -5.05 -22.34
CA LEU A 7 -11.61 -4.85 -21.54
C LEU A 7 -11.04 -6.12 -20.93
N ASN A 8 -9.86 -6.55 -21.39
CA ASN A 8 -9.25 -7.76 -20.87
C ASN A 8 -8.17 -7.41 -19.93
N VAL A 9 -8.13 -8.19 -18.85
CA VAL A 9 -7.33 -7.84 -17.75
C VAL A 9 -6.43 -9.04 -17.47
N ALA A 10 -5.17 -8.75 -17.19
CA ALA A 10 -4.25 -9.72 -16.62
C ALA A 10 -3.95 -9.32 -15.18
N VAL A 11 -3.82 -10.30 -14.28
CA VAL A 11 -3.25 -10.05 -12.95
C VAL A 11 -2.00 -10.90 -12.80
N VAL A 12 -0.86 -10.20 -12.79
CA VAL A 12 0.47 -10.80 -12.65
C VAL A 12 0.78 -10.88 -11.17
N GLY A 13 1.13 -12.07 -10.71
CA GLY A 13 1.38 -12.33 -9.29
C GLY A 13 0.10 -12.68 -8.54
N ALA A 14 -0.79 -13.36 -9.24
CA ALA A 14 -2.15 -13.59 -8.78
C ALA A 14 -2.20 -14.47 -7.54
N THR A 15 -1.18 -15.28 -7.34
CA THR A 15 -1.17 -16.24 -6.22
C THR A 15 -0.52 -15.64 -4.96
N GLY A 16 0.05 -14.45 -5.09
CA GLY A 16 0.58 -13.77 -3.90
C GLY A 16 -0.55 -13.19 -3.07
N SER A 17 -0.22 -12.74 -1.88
CA SER A 17 -1.28 -12.28 -0.99
C SER A 17 -1.95 -11.01 -1.53
N VAL A 18 -1.15 -10.07 -2.04
CA VAL A 18 -1.74 -8.87 -2.66
C VAL A 18 -2.48 -9.22 -3.97
N GLY A 19 -1.89 -10.09 -4.79
CA GLY A 19 -2.52 -10.50 -6.05
C GLY A 19 -3.87 -11.14 -5.82
N GLU A 20 -3.93 -12.04 -4.84
CA GLU A 20 -5.17 -12.71 -4.44
C GLU A 20 -6.25 -11.73 -3.97
N ALA A 21 -5.87 -10.75 -3.15
CA ALA A 21 -6.82 -9.75 -2.67
C ALA A 21 -7.33 -8.95 -3.85
N LEU A 22 -6.45 -8.65 -4.79
CA LEU A 22 -6.80 -7.81 -5.91
C LEU A 22 -7.82 -8.54 -6.82
N VAL A 23 -7.62 -9.84 -7.03
CA VAL A 23 -8.56 -10.63 -7.83
C VAL A 23 -9.92 -10.68 -7.15
N GLY A 24 -9.95 -10.89 -5.84
CA GLY A 24 -11.22 -10.87 -5.11
C GLY A 24 -11.92 -9.51 -5.23
N LEU A 25 -11.16 -8.43 -5.21
CA LEU A 25 -11.73 -7.09 -5.38
C LEU A 25 -12.30 -6.82 -6.77
N LEU A 26 -11.66 -7.36 -7.81
CA LEU A 26 -12.19 -7.28 -9.15
C LEU A 26 -13.59 -7.89 -9.20
N ASP A 27 -13.79 -8.97 -8.46
CA ASP A 27 -15.06 -9.69 -8.47
C ASP A 27 -16.08 -8.90 -7.61
N GLU A 28 -15.70 -8.60 -6.37
CA GLU A 28 -16.52 -7.83 -5.43
C GLU A 28 -17.06 -6.51 -5.98
N ARG A 29 -16.21 -5.78 -6.70
CA ARG A 29 -16.52 -4.45 -7.18
C ARG A 29 -17.09 -4.47 -8.58
N ASP A 30 -17.36 -5.68 -9.11
CA ASP A 30 -17.84 -5.83 -10.45
C ASP A 30 -17.06 -5.07 -11.49
N PHE A 31 -15.74 -5.22 -11.46
CA PHE A 31 -14.90 -4.62 -12.45
C PHE A 31 -15.34 -5.08 -13.82
N PRO A 32 -15.53 -4.14 -14.75
CA PRO A 32 -16.17 -4.48 -16.04
C PRO A 32 -15.24 -5.15 -17.08
N LEU A 33 -14.58 -6.22 -16.68
CA LEU A 33 -13.68 -6.91 -17.59
C LEU A 33 -14.42 -7.96 -18.43
N HIS A 34 -13.83 -8.31 -19.57
CA HIS A 34 -14.37 -9.33 -20.44
C HIS A 34 -13.68 -10.64 -20.08
N ARG A 35 -12.38 -10.75 -20.38
CA ARG A 35 -11.61 -11.91 -19.96
C ARG A 35 -10.59 -11.53 -18.92
N LEU A 36 -10.42 -12.42 -17.93
CA LEU A 36 -9.42 -12.27 -16.88
C LEU A 36 -8.36 -13.36 -17.01
N HIS A 37 -7.09 -12.95 -16.99
CA HIS A 37 -5.97 -13.87 -17.06
C HIS A 37 -5.12 -13.74 -15.81
N LEU A 38 -5.00 -14.83 -15.07
CA LEU A 38 -4.20 -14.89 -13.86
C LEU A 38 -2.81 -15.44 -14.15
N LEU A 39 -1.76 -14.72 -13.74
CA LEU A 39 -0.41 -15.14 -14.06
C LEU A 39 0.48 -15.13 -12.87
N ALA A 40 1.48 -16.00 -12.87
CA ALA A 40 2.50 -16.03 -11.84
C ALA A 40 3.79 -16.58 -12.43
N SER A 41 4.84 -16.68 -11.63
CA SER A 41 6.08 -17.31 -12.05
C SER A 41 5.88 -18.82 -12.19
N ALA A 42 6.65 -19.45 -13.09
CA ALA A 42 6.55 -20.91 -13.34
C ALA A 42 6.39 -21.76 -12.06
N GLU A 43 7.00 -21.28 -10.96
CA GLU A 43 6.76 -21.81 -9.61
C GLU A 43 5.29 -22.11 -9.35
N SER A 44 4.50 -21.03 -9.30
CA SER A 44 3.08 -21.06 -8.96
C SER A 44 2.16 -21.46 -10.11
N ALA A 45 2.66 -21.43 -11.34
CA ALA A 45 1.84 -21.74 -12.52
C ALA A 45 1.19 -23.11 -12.42
N GLY A 46 -0.02 -23.25 -12.96
CA GLY A 46 -0.72 -24.54 -12.99
C GLY A 46 -1.76 -24.73 -11.88
N GLN A 47 -1.71 -23.91 -10.85
CA GLN A 47 -2.70 -24.02 -9.78
C GLN A 47 -3.95 -23.18 -10.09
N ARG A 48 -5.05 -23.50 -9.42
CA ARG A 48 -6.34 -22.87 -9.74
C ARG A 48 -6.78 -21.88 -8.66
N MSE A 49 -7.54 -20.87 -9.06
CA MSE A 49 -8.07 -19.88 -8.13
C MSE A 49 -9.51 -19.56 -8.44
O MSE A 49 -9.90 -19.55 -9.60
CB MSE A 49 -7.27 -18.57 -8.18
CG MSE A 49 -5.88 -18.68 -7.64
SE MSE A 49 -5.00 -16.94 -7.75
CE MSE A 49 -6.23 -15.83 -6.67
N GLY A 50 -10.28 -19.30 -7.40
CA GLY A 50 -11.67 -18.91 -7.53
C GLY A 50 -11.82 -17.49 -8.03
N PHE A 51 -12.77 -17.29 -8.93
CA PHE A 51 -13.18 -15.96 -9.39
C PHE A 51 -14.63 -16.00 -9.85
N ALA A 52 -15.45 -15.15 -9.24
CA ALA A 52 -16.89 -15.07 -9.58
C ALA A 52 -17.55 -16.44 -9.62
N GLU A 53 -17.28 -17.26 -8.60
CA GLU A 53 -17.83 -18.64 -8.41
C GLU A 53 -17.27 -19.70 -9.37
N SER A 54 -16.50 -19.25 -10.36
CA SER A 54 -15.84 -20.15 -11.29
C SER A 54 -14.36 -20.35 -10.89
N SER A 55 -13.69 -21.27 -11.58
CA SER A 55 -12.34 -21.69 -11.23
C SER A 55 -11.37 -21.46 -12.40
N LEU A 56 -10.34 -20.66 -12.17
CA LEU A 56 -9.41 -20.23 -13.23
C LEU A 56 -8.00 -20.82 -13.07
N ARG A 57 -7.39 -21.24 -14.18
CA ARG A 57 -6.01 -21.72 -14.12
C ARG A 57 -5.00 -20.56 -14.10
N VAL A 58 -4.03 -20.58 -13.18
CA VAL A 58 -2.96 -19.57 -13.17
C VAL A 58 -1.93 -19.99 -14.23
N GLY A 59 -1.62 -19.08 -15.17
CA GLY A 59 -0.65 -19.32 -16.24
C GLY A 59 0.71 -18.74 -15.93
N ASP A 60 1.72 -19.14 -16.70
CA ASP A 60 3.09 -18.69 -16.50
C ASP A 60 3.25 -17.32 -17.16
N VAL A 61 3.61 -16.31 -16.38
CA VAL A 61 3.85 -14.97 -16.92
C VAL A 61 4.87 -14.98 -18.09
N ASP A 62 5.87 -15.86 -18.04
CA ASP A 62 6.89 -15.92 -19.08
C ASP A 62 6.33 -16.29 -20.47
N SER A 63 5.26 -17.09 -20.48
CA SER A 63 4.61 -17.54 -21.71
C SER A 63 3.53 -16.61 -22.26
N PHE A 64 3.16 -15.58 -21.51
CA PHE A 64 1.91 -14.83 -21.79
C PHE A 64 2.02 -13.76 -22.88
N ASP A 65 0.99 -13.70 -23.73
CA ASP A 65 0.86 -12.67 -24.78
C ASP A 65 0.08 -11.47 -24.28
N PHE A 66 0.81 -10.41 -23.89
CA PHE A 66 0.20 -9.19 -23.33
C PHE A 66 -0.58 -8.36 -24.36
N SER A 67 -0.40 -8.64 -25.64
CA SER A 67 -1.27 -8.00 -26.63
C SER A 67 -2.74 -8.45 -26.46
N SER A 68 -2.96 -9.55 -25.75
CA SER A 68 -4.32 -10.09 -25.59
C SER A 68 -5.14 -9.33 -24.55
N VAL A 69 -4.43 -8.54 -23.71
CA VAL A 69 -5.13 -7.79 -22.69
C VAL A 69 -4.98 -6.28 -22.93
N GLY A 70 -5.93 -5.54 -22.37
CA GLY A 70 -5.91 -4.08 -22.42
C GLY A 70 -5.41 -3.40 -21.14
N LEU A 71 -5.46 -4.12 -20.00
CA LEU A 71 -4.99 -3.63 -18.70
C LEU A 71 -4.33 -4.77 -17.89
N ALA A 72 -3.21 -4.48 -17.18
CA ALA A 72 -2.51 -5.46 -16.35
C ALA A 72 -2.16 -4.88 -14.98
N PHE A 73 -2.53 -5.62 -13.94
CA PHE A 73 -2.09 -5.30 -12.59
C PHE A 73 -0.87 -6.16 -12.31
N PHE A 74 0.25 -5.51 -12.03
CA PHE A 74 1.47 -6.24 -11.65
C PHE A 74 1.60 -6.23 -10.13
N ALA A 75 1.21 -7.33 -9.51
CA ALA A 75 1.26 -7.49 -8.06
C ALA A 75 2.26 -8.59 -7.70
N ALA A 76 3.31 -8.73 -8.50
CA ALA A 76 4.34 -9.76 -8.27
C ALA A 76 5.65 -9.15 -7.73
N ALA A 77 6.68 -9.97 -7.54
CA ALA A 77 7.99 -9.47 -7.14
C ALA A 77 8.45 -8.37 -8.11
N ALA A 78 9.26 -7.44 -7.64
CA ALA A 78 9.80 -6.37 -8.47
C ALA A 78 10.57 -6.87 -9.68
N GLU A 79 11.24 -8.02 -9.55
CA GLU A 79 11.96 -8.58 -10.69
C GLU A 79 11.04 -8.99 -11.85
N VAL A 80 9.84 -9.47 -11.51
CA VAL A 80 8.83 -9.77 -12.53
C VAL A 80 8.40 -8.49 -13.28
N SER A 81 8.20 -7.40 -12.54
N SER A 81 8.22 -7.38 -12.55
CA SER A 81 7.89 -6.11 -13.15
CA SER A 81 7.88 -6.11 -13.17
C SER A 81 9.01 -5.63 -14.09
C SER A 81 9.00 -5.55 -14.06
N ARG A 82 10.26 -5.68 -13.62
CA ARG A 82 11.43 -5.28 -14.43
C ARG A 82 11.51 -6.08 -15.72
N ALA A 83 11.20 -7.37 -15.62
CA ALA A 83 11.28 -8.27 -16.75
C ALA A 83 10.13 -8.09 -17.74
N HIS A 84 8.97 -7.62 -17.26
CA HIS A 84 7.77 -7.63 -18.12
C HIS A 84 6.96 -6.35 -18.27
N ALA A 85 7.02 -5.41 -17.32
CA ALA A 85 6.03 -4.29 -17.35
C ALA A 85 6.15 -3.39 -18.58
N GLU A 86 7.37 -3.03 -18.93
CA GLU A 86 7.60 -2.19 -20.12
C GLU A 86 7.24 -2.93 -21.38
N ARG A 87 7.73 -4.17 -21.53
CA ARG A 87 7.35 -5.05 -22.66
C ARG A 87 5.83 -5.16 -22.79
N ALA A 88 5.13 -5.34 -21.68
CA ALA A 88 3.66 -5.36 -21.69
C ALA A 88 3.05 -4.07 -22.22
N ARG A 89 3.62 -2.92 -21.83
CA ARG A 89 3.07 -1.63 -22.28
C ARG A 89 3.30 -1.45 -23.79
N ALA A 90 4.45 -1.90 -24.28
CA ALA A 90 4.77 -1.79 -25.70
C ALA A 90 3.72 -2.55 -26.50
N ALA A 91 3.16 -3.60 -25.86
CA ALA A 91 2.20 -4.53 -26.50
C ALA A 91 0.78 -3.93 -26.52
N GLY A 92 0.68 -2.79 -25.80
CA GLY A 92 -0.58 -1.97 -25.92
C GLY A 92 -1.35 -2.04 -24.63
N CYS A 93 -0.79 -2.80 -23.69
CA CYS A 93 -1.44 -3.07 -22.45
C CYS A 93 -1.05 -2.02 -21.38
N SER A 94 -2.04 -1.37 -20.78
CA SER A 94 -1.78 -0.38 -19.75
C SER A 94 -1.38 -1.13 -18.49
N VAL A 95 -0.41 -0.61 -17.75
CA VAL A 95 0.13 -1.36 -16.63
C VAL A 95 -0.02 -0.56 -15.37
N ILE A 96 -0.54 -1.23 -14.33
CA ILE A 96 -0.46 -0.68 -12.99
C ILE A 96 0.45 -1.59 -12.17
N ASP A 97 1.63 -1.08 -11.78
CA ASP A 97 2.63 -1.88 -11.12
C ASP A 97 2.67 -1.59 -9.62
N LEU A 98 2.36 -2.58 -8.78
CA LEU A 98 2.29 -2.36 -7.35
C LEU A 98 3.67 -2.51 -6.67
N SER A 99 4.69 -2.94 -7.40
CA SER A 99 5.98 -3.26 -6.79
C SER A 99 6.89 -2.03 -6.73
N GLY A 100 6.52 -0.98 -7.45
CA GLY A 100 7.35 0.23 -7.52
C GLY A 100 8.68 0.08 -8.25
N ALA A 101 8.85 -1.03 -8.98
CA ALA A 101 10.14 -1.39 -9.58
C ALA A 101 10.65 -0.36 -10.57
N LEU A 102 9.75 0.40 -11.18
CA LEU A 102 10.09 1.32 -12.27
C LEU A 102 9.90 2.80 -11.92
N GLU A 103 9.73 3.06 -10.62
CA GLU A 103 9.73 4.39 -10.07
C GLU A 103 11.13 5.01 -10.18
N PRO A 104 11.22 6.35 -10.14
CA PRO A 104 10.07 7.27 -10.08
C PRO A 104 9.55 7.85 -11.41
N SER A 105 10.30 7.67 -12.50
N SER A 105 10.30 7.64 -12.50
CA SER A 105 9.98 8.40 -13.72
CA SER A 105 10.04 8.39 -13.72
C SER A 105 9.35 7.56 -14.83
C SER A 105 9.41 7.58 -14.85
N VAL A 106 9.79 6.31 -14.97
CA VAL A 106 9.25 5.42 -15.99
C VAL A 106 7.79 5.08 -15.65
N ALA A 107 7.55 4.72 -14.39
CA ALA A 107 6.20 4.47 -13.90
C ALA A 107 5.94 5.30 -12.63
N PRO A 108 5.46 6.53 -12.81
CA PRO A 108 5.19 7.43 -11.69
C PRO A 108 4.09 6.89 -10.78
N PRO A 109 4.25 7.08 -9.45
CA PRO A 109 3.18 6.71 -8.53
C PRO A 109 1.94 7.60 -8.66
N VAL A 110 0.76 6.98 -8.80
CA VAL A 110 -0.51 7.71 -8.89
C VAL A 110 -1.54 7.08 -7.94
N MSE A 111 -2.24 7.97 -7.24
CA MSE A 111 -3.39 7.61 -6.43
C MSE A 111 -4.60 8.48 -6.76
O MSE A 111 -4.50 9.70 -6.77
CB MSE A 111 -3.10 7.79 -4.96
CG MSE A 111 -2.19 6.74 -4.41
SE MSE A 111 -1.82 7.16 -2.54
CE MSE A 111 -3.57 6.67 -1.79
N VAL A 112 -5.74 7.84 -6.94
CA VAL A 112 -7.01 8.55 -7.16
C VAL A 112 -7.30 9.60 -6.06
N SER A 113 -7.12 9.26 -4.78
CA SER A 113 -7.49 10.16 -3.68
C SER A 113 -6.50 11.35 -3.48
N VAL A 114 -5.41 11.36 -4.25
CA VAL A 114 -4.22 12.21 -3.98
C VAL A 114 -3.74 13.04 -5.18
N ASN A 115 -3.43 12.41 -6.31
CA ASN A 115 -2.77 13.11 -7.42
C ASN A 115 -3.27 12.59 -8.74
N ALA A 116 -4.59 12.32 -8.78
CA ALA A 116 -5.23 11.73 -9.95
C ALA A 116 -4.98 12.55 -11.20
N GLU A 117 -4.95 13.88 -11.01
N GLU A 117 -4.95 13.88 -11.03
CA GLU A 117 -4.71 14.83 -12.09
CA GLU A 117 -4.70 14.82 -12.12
C GLU A 117 -3.35 14.63 -12.78
C GLU A 117 -3.37 14.56 -12.82
N ARG A 118 -2.50 13.80 -12.19
CA ARG A 118 -1.25 13.41 -12.81
C ARG A 118 -1.41 12.42 -13.94
N LEU A 119 -2.59 11.78 -14.02
CA LEU A 119 -2.92 10.92 -15.15
C LEU A 119 -3.10 11.71 -16.41
N ALA A 120 -3.76 12.86 -16.26
CA ALA A 120 -4.14 13.75 -17.36
C ALA A 120 -3.00 14.11 -18.33
N SER A 121 -1.75 13.84 -17.93
CA SER A 121 -0.57 14.18 -18.70
C SER A 121 0.14 13.03 -19.40
N GLN A 122 -0.18 11.78 -19.09
CA GLN A 122 0.42 10.61 -19.80
C GLN A 122 -0.50 10.21 -20.96
N ALA A 123 0.06 9.63 -22.00
CA ALA A 123 -0.77 9.08 -23.07
C ALA A 123 -0.91 7.58 -22.95
N ALA A 124 -2.12 7.08 -23.18
CA ALA A 124 -2.42 5.65 -23.20
C ALA A 124 -1.71 4.96 -24.38
N PRO A 125 -1.18 3.73 -24.19
CA PRO A 125 -1.10 2.89 -22.96
C PRO A 125 -0.32 3.47 -21.76
N PHE A 126 -0.90 3.34 -20.56
CA PHE A 126 -0.31 3.91 -19.36
C PHE A 126 0.69 2.94 -18.73
N LEU A 127 1.64 3.50 -17.99
CA LEU A 127 2.50 2.68 -17.16
C LEU A 127 2.72 3.42 -15.84
N LEU A 128 2.01 2.97 -14.81
CA LEU A 128 1.92 3.71 -13.57
C LEU A 128 2.27 2.80 -12.44
N SER A 129 2.72 3.39 -11.33
CA SER A 129 2.95 2.64 -10.11
C SER A 129 1.81 2.91 -9.13
N SER A 130 1.38 1.87 -8.45
CA SER A 130 0.54 2.09 -7.28
C SER A 130 1.45 1.97 -6.04
N PRO A 131 1.44 2.98 -5.13
CA PRO A 131 2.39 3.07 -4.00
C PRO A 131 2.37 1.86 -3.06
N CYS A 132 3.48 1.69 -2.33
CA CYS A 132 3.49 0.70 -1.25
C CYS A 132 2.41 1.07 -0.22
N ALA A 133 1.92 0.10 0.52
CA ALA A 133 0.82 0.29 1.44
C ALA A 133 1.02 1.46 2.40
N VAL A 134 2.21 1.53 3.02
CA VAL A 134 2.40 2.57 4.03
C VAL A 134 2.30 3.98 3.43
N ALA A 135 2.96 4.21 2.30
CA ALA A 135 2.90 5.50 1.63
C ALA A 135 1.45 5.80 1.18
N ALA A 136 0.74 4.77 0.73
CA ALA A 136 -0.65 4.96 0.25
C ALA A 136 -1.54 5.40 1.36
N GLU A 137 -1.36 4.78 2.54
CA GLU A 137 -2.22 5.06 3.70
C GLU A 137 -1.88 6.41 4.35
N LEU A 138 -0.59 6.73 4.45
CA LEU A 138 -0.19 8.06 4.89
C LEU A 138 -0.83 9.12 3.98
N CYS A 139 -0.64 8.99 2.67
CA CYS A 139 -1.02 10.05 1.72
C CYS A 139 -2.52 10.21 1.61
N GLU A 140 -3.23 9.09 1.72
CA GLU A 140 -4.66 9.13 1.68
C GLU A 140 -5.23 9.99 2.81
N VAL A 141 -4.58 9.93 3.98
CA VAL A 141 -5.04 10.67 5.14
C VAL A 141 -4.56 12.12 5.09
N LEU A 142 -3.32 12.34 4.66
CA LEU A 142 -2.76 13.69 4.59
C LEU A 142 -3.34 14.58 3.49
N ALA A 143 -3.60 14.00 2.31
CA ALA A 143 -4.08 14.79 1.17
C ALA A 143 -5.24 15.74 1.54
N PRO A 144 -6.35 15.20 2.09
CA PRO A 144 -7.46 16.13 2.42
C PRO A 144 -7.13 17.15 3.53
N LEU A 145 -6.20 16.82 4.41
CA LEU A 145 -5.78 17.72 5.46
C LEU A 145 -4.95 18.90 4.94
N LEU A 146 -4.24 18.69 3.84
CA LEU A 146 -3.28 19.67 3.36
C LEU A 146 -3.94 20.86 2.68
N ALA A 147 -5.23 20.76 2.42
CA ALA A 147 -5.99 21.91 1.94
C ALA A 147 -6.17 22.96 3.05
N THR A 148 -6.08 22.51 4.29
CA THR A 148 -6.34 23.32 5.47
C THR A 148 -5.08 23.57 6.30
N LEU A 149 -4.19 22.57 6.39
CA LEU A 149 -2.98 22.63 7.20
C LEU A 149 -1.77 22.95 6.34
N ASP A 150 -0.88 23.79 6.87
CA ASP A 150 0.41 24.05 6.24
C ASP A 150 1.49 23.27 6.99
N CYS A 151 1.81 22.10 6.46
CA CYS A 151 2.70 21.18 7.11
C CYS A 151 4.18 21.48 6.81
N ARG A 152 4.92 21.85 7.86
CA ARG A 152 6.34 22.20 7.75
C ARG A 152 7.30 21.04 8.03
N GLN A 153 6.87 20.04 8.81
CA GLN A 153 7.69 18.86 9.13
C GLN A 153 6.73 17.70 9.32
N LEU A 154 7.08 16.54 8.82
CA LEU A 154 6.24 15.37 8.93
C LEU A 154 7.07 14.24 9.51
N ASN A 155 6.66 13.75 10.67
CA ASN A 155 7.32 12.59 11.27
C ASN A 155 6.41 11.37 11.18
N LEU A 156 6.95 10.28 10.66
CA LEU A 156 6.23 9.02 10.59
C LEU A 156 7.01 7.90 11.29
N THR A 157 6.37 7.24 12.24
CA THR A 157 6.87 5.97 12.76
C THR A 157 5.87 4.91 12.33
N ALA A 158 6.28 4.02 11.43
CA ALA A 158 5.38 3.01 10.92
C ALA A 158 5.67 1.67 11.57
N CYS A 159 4.68 1.07 12.20
CA CYS A 159 4.82 -0.27 12.78
C CYS A 159 4.20 -1.27 11.85
N LEU A 160 5.06 -2.05 11.21
CA LEU A 160 4.65 -2.93 10.13
C LEU A 160 4.38 -4.32 10.68
N SER A 161 3.31 -4.96 10.20
CA SER A 161 3.03 -6.37 10.52
C SER A 161 3.93 -7.28 9.67
N VAL A 162 4.05 -8.55 10.05
CA VAL A 162 4.86 -9.50 9.28
C VAL A 162 4.34 -9.82 7.89
N SER A 163 3.04 -9.57 7.64
CA SER A 163 2.49 -9.76 6.29
C SER A 163 3.18 -8.82 5.28
N SER A 164 3.85 -7.78 5.76
CA SER A 164 4.63 -6.90 4.87
C SER A 164 5.76 -7.67 4.17
N LEU A 165 6.15 -8.83 4.73
CA LEU A 165 7.18 -9.71 4.18
C LEU A 165 6.57 -10.90 3.45
N GLY A 166 5.27 -10.84 3.21
CA GLY A 166 4.58 -11.89 2.48
C GLY A 166 4.13 -13.00 3.40
N ARG A 167 3.59 -14.07 2.83
CA ARG A 167 3.01 -15.20 3.59
C ARG A 167 4.05 -15.96 4.43
N GLU A 168 5.31 -15.94 4.02
N GLU A 168 5.30 -15.92 3.98
CA GLU A 168 6.35 -16.62 4.78
CA GLU A 168 6.44 -16.51 4.68
C GLU A 168 6.64 -15.90 6.11
C GLU A 168 6.56 -15.90 6.07
N GLY A 169 6.46 -14.57 6.12
CA GLY A 169 6.58 -13.79 7.34
C GLY A 169 5.50 -14.13 8.34
N VAL A 170 4.26 -14.26 7.85
CA VAL A 170 3.12 -14.70 8.65
C VAL A 170 3.40 -16.07 9.26
N LYS A 171 3.91 -16.99 8.44
CA LYS A 171 4.27 -18.33 8.91
C LYS A 171 5.39 -18.34 9.95
N GLU A 172 6.42 -17.54 9.71
CA GLU A 172 7.57 -17.43 10.62
C GLU A 172 7.13 -16.94 12.00
N LEU A 173 6.26 -15.93 12.02
CA LEU A 173 5.79 -15.38 13.27
C LEU A 173 4.98 -16.39 14.07
N ALA A 174 4.00 -17.02 13.41
CA ALA A 174 3.18 -18.04 14.06
C ALA A 174 4.03 -19.20 14.61
N ARG A 175 5.02 -19.64 13.84
CA ARG A 175 5.88 -20.77 14.22
C ARG A 175 6.79 -20.43 15.41
N GLN A 176 7.45 -19.28 15.33
CA GLN A 176 8.30 -18.79 16.43
C GLN A 176 7.48 -18.60 17.70
N THR A 177 6.28 -18.02 17.57
CA THR A 177 5.44 -17.74 18.73
C THR A 177 5.07 -19.04 19.42
N ALA A 178 4.71 -20.06 18.63
CA ALA A 178 4.33 -21.36 19.14
C ALA A 178 5.48 -22.08 19.84
N GLU A 179 6.64 -22.12 19.19
CA GLU A 179 7.85 -22.70 19.77
C GLU A 179 8.09 -22.15 21.19
N LEU A 180 8.01 -20.83 21.35
CA LEU A 180 8.25 -20.20 22.64
C LEU A 180 7.17 -20.54 23.68
N LEU A 181 5.91 -20.54 23.23
CA LEU A 181 4.80 -20.77 24.16
C LEU A 181 4.74 -22.17 24.75
N ASN A 182 5.13 -23.19 23.98
CA ASN A 182 5.26 -24.52 24.57
C ASN A 182 6.72 -24.94 24.82
N ALA A 183 7.56 -23.94 25.13
CA ALA A 183 8.94 -24.12 25.62
C ALA A 183 9.82 -25.06 24.77
N ARG A 184 9.82 -24.82 23.46
CA ARG A 184 10.69 -25.55 22.53
C ARG A 184 11.82 -24.66 22.00
N PRO A 185 12.96 -25.27 21.57
CA PRO A 185 14.08 -24.49 21.03
C PRO A 185 13.64 -23.58 19.89
N LEU A 186 13.84 -22.28 20.07
CA LEU A 186 13.54 -21.31 19.00
C LEU A 186 14.56 -21.45 17.87
N GLU A 187 14.05 -21.62 16.65
CA GLU A 187 14.87 -21.72 15.46
C GLU A 187 14.34 -20.81 14.34
N PRO A 188 14.94 -19.61 14.19
CA PRO A 188 14.53 -18.67 13.14
C PRO A 188 14.95 -19.16 11.77
N ARG A 189 14.07 -18.99 10.77
CA ARG A 189 14.36 -19.41 9.40
C ARG A 189 14.41 -18.21 8.43
N LEU A 190 13.33 -17.43 8.38
CA LEU A 190 13.29 -16.23 7.51
C LEU A 190 14.17 -15.10 8.07
N PHE A 191 14.35 -15.08 9.39
CA PHE A 191 15.23 -14.14 10.08
C PHE A 191 16.38 -14.89 10.77
N ASP A 192 17.35 -14.14 11.26
CA ASP A 192 18.46 -14.73 12.03
C ASP A 192 18.34 -14.38 13.51
N ARG A 193 17.20 -13.80 13.87
CA ARG A 193 16.89 -13.47 15.26
C ARG A 193 15.39 -13.67 15.52
N GLN A 194 15.02 -13.59 16.80
CA GLN A 194 13.65 -13.74 17.23
C GLN A 194 12.78 -12.58 16.79
N ILE A 195 11.67 -12.89 16.16
CA ILE A 195 10.66 -11.88 15.85
C ILE A 195 9.44 -11.96 16.78
N ALA A 196 9.15 -13.16 17.29
CA ALA A 196 8.06 -13.37 18.22
C ALA A 196 8.24 -12.45 19.45
N PHE A 197 7.15 -11.81 19.86
CA PHE A 197 7.17 -10.90 21.02
C PHE A 197 8.36 -9.90 20.99
N ASN A 198 8.78 -9.48 19.79
CA ASN A 198 9.95 -8.60 19.67
C ASN A 198 9.64 -7.44 18.74
N LEU A 199 10.35 -6.32 18.88
CA LEU A 199 10.21 -5.22 17.92
C LEU A 199 11.54 -5.03 17.22
N LEU A 200 11.55 -5.15 15.89
CA LEU A 200 12.80 -4.95 15.16
C LEU A 200 12.94 -3.49 14.79
N ALA A 201 14.14 -2.94 14.92
CA ALA A 201 14.36 -1.51 14.66
C ALA A 201 14.18 -1.09 13.21
N GLN A 202 14.34 -2.04 12.29
CA GLN A 202 14.31 -1.78 10.86
C GLN A 202 13.69 -2.98 10.16
N VAL A 203 13.20 -2.75 8.94
CA VAL A 203 12.70 -3.84 8.08
C VAL A 203 13.73 -4.11 6.94
N GLY A 204 14.52 -5.16 7.06
CA GLY A 204 15.51 -5.47 6.02
C GLY A 204 16.80 -4.72 6.32
N ALA A 205 17.84 -4.94 5.51
CA ALA A 205 19.14 -4.31 5.66
C ALA A 205 19.07 -2.81 5.36
N VAL A 206 20.00 -2.05 5.91
CA VAL A 206 20.03 -0.60 5.66
C VAL A 206 21.15 -0.24 4.68
N ASP A 207 20.99 0.86 3.95
CA ASP A 207 22.05 1.32 3.04
C ASP A 207 23.14 2.07 3.83
N ALA A 208 24.11 2.65 3.13
CA ALA A 208 25.27 3.31 3.75
C ALA A 208 24.92 4.56 4.55
N GLU A 209 23.72 5.10 4.31
N GLU A 209 23.72 5.11 4.30
CA GLU A 209 23.21 6.25 5.05
CA GLU A 209 23.20 6.25 5.06
C GLU A 209 22.20 5.82 6.14
C GLU A 209 22.30 5.81 6.22
N GLY A 210 22.07 4.50 6.33
CA GLY A 210 21.28 3.94 7.42
C GLY A 210 19.80 3.76 7.19
N HIS A 211 19.35 3.91 5.93
CA HIS A 211 17.91 3.80 5.60
C HIS A 211 17.60 2.43 5.00
N SER A 212 16.44 1.88 5.35
CA SER A 212 16.03 0.60 4.76
C SER A 212 15.34 0.85 3.43
N ALA A 213 15.17 -0.21 2.64
CA ALA A 213 14.54 -0.13 1.35
C ALA A 213 13.10 0.39 1.42
N ILE A 214 12.33 -0.11 2.38
CA ILE A 214 10.94 0.35 2.52
C ILE A 214 10.88 1.84 2.90
N GLU A 215 11.81 2.29 3.73
CA GLU A 215 11.90 3.69 4.14
C GLU A 215 12.22 4.64 2.96
N ARG A 216 13.17 4.21 2.11
N ARG A 216 13.15 4.20 2.09
CA ARG A 216 13.51 4.86 0.85
CA ARG A 216 13.50 4.92 0.88
C ARG A 216 12.30 4.95 -0.05
C ARG A 216 12.34 4.92 -0.13
N ARG A 217 11.60 3.81 -0.19
CA ARG A 217 10.42 3.75 -1.05
C ARG A 217 9.32 4.70 -0.58
N ILE A 218 9.01 4.64 0.71
CA ILE A 218 7.96 5.47 1.27
C ILE A 218 8.33 6.94 1.05
N PHE A 219 9.57 7.27 1.34
CA PHE A 219 10.06 8.62 1.16
C PHE A 219 9.92 9.08 -0.30
N ALA A 220 10.40 8.31 -1.27
CA ALA A 220 10.32 8.68 -2.68
C ALA A 220 8.88 8.85 -3.15
N GLU A 221 8.00 7.98 -2.67
CA GLU A 221 6.59 7.99 -3.10
C GLU A 221 5.83 9.16 -2.49
N VAL A 222 6.05 9.41 -1.20
CA VAL A 222 5.39 10.55 -0.56
C VAL A 222 5.79 11.86 -1.25
N GLN A 223 7.05 11.98 -1.62
N GLN A 223 7.06 11.98 -1.57
CA GLN A 223 7.50 13.20 -2.29
CA GLN A 223 7.57 13.14 -2.28
C GLN A 223 7.02 13.30 -3.74
C GLN A 223 6.89 13.26 -3.65
N ALA A 224 6.82 12.15 -4.40
CA ALA A 224 6.22 12.16 -5.74
C ALA A 224 4.73 12.46 -5.67
N LEU A 225 4.04 11.92 -4.67
CA LEU A 225 2.59 12.04 -4.55
C LEU A 225 2.12 13.36 -3.96
N LEU A 226 2.77 13.83 -2.90
CA LEU A 226 2.33 15.04 -2.20
C LEU A 226 3.16 16.22 -2.65
N GLY A 227 4.40 15.95 -3.04
CA GLY A 227 5.24 16.97 -3.62
C GLY A 227 5.61 18.04 -2.63
N GLU A 228 5.29 19.27 -3.01
CA GLU A 228 5.76 20.45 -2.31
C GLU A 228 4.88 20.85 -1.15
N ARG A 229 3.64 20.33 -1.11
CA ARG A 229 2.70 20.65 -0.02
C ARG A 229 3.07 20.13 1.36
N ILE A 230 4.20 19.44 1.48
CA ILE A 230 4.74 19.13 2.79
C ILE A 230 6.22 19.42 2.84
N GLY A 231 6.71 19.68 4.05
CA GLY A 231 8.14 19.84 4.27
C GLY A 231 8.82 18.49 4.44
N PRO A 232 10.06 18.51 4.95
CA PRO A 232 10.83 17.27 5.08
C PRO A 232 10.02 16.13 5.75
N LEU A 233 10.04 14.95 5.13
CA LEU A 233 9.52 13.73 5.72
C LEU A 233 10.60 12.97 6.50
N ASN A 234 10.30 12.51 7.70
CA ASN A 234 11.21 11.61 8.41
C ASN A 234 10.47 10.29 8.70
N VAL A 235 11.03 9.17 8.21
CA VAL A 235 10.37 7.85 8.23
C VAL A 235 11.19 6.82 8.97
N THR A 236 10.55 6.14 9.92
CA THR A 236 11.10 4.96 10.55
C THR A 236 10.09 3.84 10.37
N CYS A 237 10.54 2.72 9.80
CA CYS A 237 9.70 1.52 9.76
C CYS A 237 10.22 0.46 10.69
N ILE A 238 9.36 0.06 11.62
CA ILE A 238 9.69 -0.91 12.64
C ILE A 238 8.90 -2.17 12.30
N GLN A 239 9.48 -3.33 12.63
CA GLN A 239 8.79 -4.59 12.43
C GLN A 239 8.13 -5.03 13.75
N ALA A 240 6.79 -5.13 13.77
CA ALA A 240 6.08 -5.51 15.01
C ALA A 240 5.67 -6.98 14.95
N PRO A 241 5.56 -7.63 16.13
CA PRO A 241 5.10 -9.02 16.06
C PRO A 241 3.57 -9.08 15.90
N VAL A 242 3.08 -8.60 14.74
CA VAL A 242 1.64 -8.64 14.45
C VAL A 242 1.48 -9.24 13.07
N PHE A 243 0.37 -9.93 12.82
CA PHE A 243 0.23 -10.64 11.54
C PHE A 243 -0.10 -9.75 10.34
N PHE A 244 -1.15 -8.93 10.48
CA PHE A 244 -1.72 -8.16 9.37
C PHE A 244 -1.97 -6.69 9.77
N GLY A 245 -1.77 -5.77 8.82
CA GLY A 245 -2.14 -4.36 8.98
C GLY A 245 -0.98 -3.44 9.28
N ASP A 246 -1.05 -2.20 8.78
CA ASP A 246 -0.06 -1.16 9.12
C ASP A 246 -0.62 -0.30 10.25
N SER A 247 0.19 0.02 11.24
CA SER A 247 -0.16 0.95 12.32
C SER A 247 0.81 2.16 12.27
N LEU A 248 0.30 3.35 12.00
CA LEU A 248 1.17 4.50 11.78
C LEU A 248 0.98 5.56 12.86
N SER A 249 2.08 6.06 13.40
CA SER A 249 2.04 7.21 14.29
C SER A 249 2.67 8.40 13.59
N VAL A 250 1.86 9.42 13.36
CA VAL A 250 2.24 10.58 12.55
C VAL A 250 2.25 11.83 13.42
N THR A 251 3.26 12.69 13.25
CA THR A 251 3.29 14.04 13.84
C THR A 251 3.47 15.07 12.75
N LEU A 252 2.55 16.00 12.65
CA LEU A 252 2.68 17.10 11.73
C LEU A 252 3.01 18.37 12.49
N GLN A 253 4.05 19.05 12.03
N GLN A 253 4.05 19.07 12.04
CA GLN A 253 4.40 20.37 12.55
CA GLN A 253 4.41 20.38 12.59
C GLN A 253 3.89 21.39 11.54
C GLN A 253 3.94 21.41 11.58
N CYS A 254 2.92 22.19 11.97
CA CYS A 254 2.29 23.13 11.09
C CYS A 254 2.69 24.57 11.33
N ALA A 255 2.33 25.43 10.39
CA ALA A 255 2.74 26.82 10.42
C ALA A 255 1.94 27.63 11.44
N GLU A 256 0.71 27.19 11.68
N GLU A 256 0.68 27.27 11.66
CA GLU A 256 -0.31 27.89 12.47
CA GLU A 256 -0.14 27.99 12.63
C GLU A 256 -0.84 26.91 13.54
C GLU A 256 -0.81 26.96 13.54
N PRO A 257 -1.34 27.41 14.70
CA PRO A 257 -2.07 26.50 15.60
C PRO A 257 -3.16 25.69 14.88
N VAL A 258 -3.19 24.38 15.10
CA VAL A 258 -4.09 23.48 14.38
C VAL A 258 -5.49 23.53 14.98
N ASP A 259 -6.48 23.76 14.11
CA ASP A 259 -7.90 23.62 14.44
C ASP A 259 -8.19 22.13 14.43
N LEU A 260 -8.16 21.52 15.61
CA LEU A 260 -8.38 20.08 15.74
C LEU A 260 -9.77 19.65 15.27
N ALA A 261 -10.81 20.39 15.66
CA ALA A 261 -12.17 20.13 15.18
C ALA A 261 -12.26 20.06 13.65
N ALA A 262 -11.56 20.96 12.96
CA ALA A 262 -11.55 21.01 11.49
C ALA A 262 -10.86 19.77 10.90
N VAL A 263 -9.77 19.35 11.54
CA VAL A 263 -9.06 18.14 11.15
C VAL A 263 -9.99 16.92 11.21
N THR A 264 -10.68 16.75 12.34
CA THR A 264 -11.52 15.57 12.53
C THR A 264 -12.75 15.67 11.63
N ARG A 265 -13.25 16.88 11.41
CA ARG A 265 -14.36 17.10 10.48
C ARG A 265 -13.99 16.63 9.04
N VAL A 266 -12.80 16.98 8.57
CA VAL A 266 -12.36 16.65 7.22
C VAL A 266 -12.23 15.14 7.07
N LEU A 267 -11.60 14.51 8.06
CA LEU A 267 -11.39 13.07 8.12
C LEU A 267 -12.71 12.33 8.19
N ASP A 268 -13.62 12.86 9.00
CA ASP A 268 -14.94 12.29 9.09
C ASP A 268 -15.69 12.38 7.75
N ALA A 269 -15.51 13.48 7.01
CA ALA A 269 -16.24 13.70 5.74
C ALA A 269 -15.63 12.97 4.54
N THR A 270 -14.39 12.48 4.67
CA THR A 270 -13.71 11.88 3.53
C THR A 270 -14.08 10.40 3.38
N LYS A 271 -14.54 10.03 2.18
N LYS A 271 -14.52 10.01 2.18
CA LYS A 271 -14.82 8.63 1.84
CA LYS A 271 -14.86 8.62 1.88
C LYS A 271 -13.56 7.79 2.00
C LYS A 271 -13.63 7.71 1.82
N GLY A 272 -13.70 6.57 2.52
CA GLY A 272 -12.58 5.64 2.62
C GLY A 272 -11.78 5.84 3.89
N ILE A 273 -12.05 6.93 4.63
CA ILE A 273 -11.41 7.17 5.92
C ILE A 273 -12.49 7.06 6.99
N GLU A 274 -12.19 6.33 8.06
N GLU A 274 -12.18 6.32 8.06
CA GLU A 274 -13.08 6.28 9.21
CA GLU A 274 -13.06 6.27 9.22
C GLU A 274 -12.42 6.98 10.40
C GLU A 274 -12.41 6.98 10.39
N TRP A 275 -13.00 8.09 10.82
CA TRP A 275 -12.47 8.85 11.94
C TRP A 275 -12.98 8.27 13.25
N VAL A 276 -12.08 8.04 14.19
CA VAL A 276 -12.45 7.54 15.51
C VAL A 276 -12.05 8.58 16.55
N GLY A 277 -12.99 8.97 17.39
CA GLY A 277 -12.73 9.96 18.44
C GLY A 277 -13.22 9.49 19.78
N GLU A 278 -13.57 10.46 20.62
N GLU A 278 -13.66 10.40 20.65
CA GLU A 278 -14.12 10.29 21.97
CA GLU A 278 -14.26 10.02 21.95
C GLU A 278 -13.26 9.37 22.84
C GLU A 278 -13.26 9.35 22.92
N GLY A 279 -11.95 9.55 22.70
CA GLY A 279 -10.96 8.78 23.44
C GLY A 279 -10.86 7.30 23.13
N ASP A 280 -11.57 6.81 22.11
N ASP A 280 -11.58 6.85 22.09
CA ASP A 280 -11.36 5.43 21.66
CA ASP A 280 -11.47 5.50 21.54
C ASP A 280 -10.44 5.47 20.45
C ASP A 280 -10.34 5.49 20.52
N TYR A 281 -9.93 4.32 20.06
CA TYR A 281 -8.95 4.23 18.99
C TYR A 281 -9.16 2.96 18.17
N PRO A 282 -8.80 2.99 16.87
CA PRO A 282 -8.82 1.77 16.10
C PRO A 282 -7.53 0.95 16.23
N THR A 283 -7.62 -0.35 15.95
CA THR A 283 -6.41 -1.19 15.87
C THR A 283 -6.46 -2.05 14.60
N VAL A 284 -5.32 -2.61 14.19
CA VAL A 284 -5.31 -3.49 13.00
C VAL A 284 -6.18 -4.74 13.18
N VAL A 285 -6.15 -5.33 14.36
CA VAL A 285 -6.89 -6.57 14.61
C VAL A 285 -8.40 -6.28 14.78
N GLY A 286 -8.70 -5.27 15.59
CA GLY A 286 -10.07 -4.89 15.86
C GLY A 286 -10.80 -4.24 14.71
N ASP A 287 -10.13 -3.44 13.90
CA ASP A 287 -10.84 -2.60 12.93
C ASP A 287 -10.41 -2.71 11.48
N ALA A 288 -9.11 -2.72 11.23
CA ALA A 288 -8.63 -2.56 9.85
C ALA A 288 -8.78 -3.82 8.99
N LEU A 289 -8.47 -4.99 9.55
CA LEU A 289 -8.35 -6.23 8.76
C LEU A 289 -9.63 -6.58 8.01
N GLY A 290 -9.51 -6.85 6.72
CA GLY A 290 -10.59 -7.42 5.91
C GLY A 290 -11.58 -6.43 5.33
N GLN A 291 -11.29 -5.14 5.47
CA GLN A 291 -12.23 -4.11 5.00
C GLN A 291 -11.54 -2.89 4.39
N ASP A 292 -12.32 -1.96 3.84
CA ASP A 292 -11.81 -0.93 2.94
C ASP A 292 -11.42 0.39 3.60
N GLU A 293 -11.94 0.68 4.79
CA GLU A 293 -11.65 1.95 5.45
C GLU A 293 -10.23 1.98 6.00
N THR A 294 -9.61 3.14 5.86
CA THR A 294 -8.41 3.44 6.60
C THR A 294 -8.90 4.21 7.85
N TYR A 295 -8.59 3.69 9.02
CA TYR A 295 -9.07 4.25 10.29
C TYR A 295 -8.07 5.25 10.85
N VAL A 296 -8.56 6.40 11.34
CA VAL A 296 -7.68 7.43 11.87
C VAL A 296 -8.21 7.85 13.23
N GLY A 297 -7.34 7.83 14.24
CA GLY A 297 -7.68 8.31 15.57
C GLY A 297 -6.57 9.09 16.29
N ARG A 298 -6.83 9.39 17.56
CA ARG A 298 -5.92 10.07 18.48
C ARG A 298 -5.51 11.44 17.96
N VAL A 299 -6.43 12.11 17.27
CA VAL A 299 -6.18 13.45 16.76
C VAL A 299 -6.07 14.38 17.95
N ARG A 300 -4.90 14.99 18.13
CA ARG A 300 -4.66 15.87 19.28
C ARG A 300 -3.50 16.82 18.96
N ALA A 301 -3.39 17.88 19.75
CA ALA A 301 -2.25 18.78 19.63
C ALA A 301 -1.10 18.29 20.53
N GLY A 302 0.08 18.89 20.35
CA GLY A 302 1.21 18.69 21.24
C GLY A 302 0.81 19.16 22.63
N GLN A 303 1.46 18.60 23.65
CA GLN A 303 1.21 19.00 25.02
C GLN A 303 1.76 20.40 25.22
N ALA A 304 2.84 20.71 24.51
CA ALA A 304 3.47 22.04 24.55
C ALA A 304 3.01 22.97 23.39
N ASP A 305 2.93 22.41 22.17
CA ASP A 305 2.85 23.15 20.90
C ASP A 305 1.48 22.97 20.22
N PRO A 306 0.63 24.02 20.23
CA PRO A 306 -0.62 23.99 19.45
C PRO A 306 -0.40 23.86 17.92
N CYS A 307 0.82 24.15 17.44
CA CYS A 307 1.15 24.01 16.01
C CYS A 307 1.46 22.54 15.59
N GLN A 308 1.41 21.62 16.55
CA GLN A 308 1.61 20.19 16.30
C GLN A 308 0.30 19.42 16.34
N VAL A 309 0.14 18.46 15.43
CA VAL A 309 -1.03 17.59 15.48
C VAL A 309 -0.52 16.18 15.27
N ASN A 310 -1.01 15.26 16.08
CA ASN A 310 -0.71 13.83 15.95
C ASN A 310 -1.89 13.12 15.35
N LEU A 311 -1.61 12.06 14.58
CA LEU A 311 -2.64 11.17 14.04
C LEU A 311 -2.16 9.75 14.27
N TRP A 312 -3.10 8.82 14.44
CA TRP A 312 -2.81 7.39 14.47
C TRP A 312 -3.64 6.78 13.35
N ILE A 313 -2.99 6.00 12.49
CA ILE A 313 -3.64 5.49 11.29
C ILE A 313 -3.52 3.97 11.28
N VAL A 314 -4.62 3.26 11.04
CA VAL A 314 -4.49 1.82 10.85
C VAL A 314 -5.23 1.42 9.59
N SER A 315 -4.62 0.52 8.84
CA SER A 315 -5.18 0.09 7.56
C SER A 315 -4.71 -1.31 7.22
N ASP A 316 -5.53 -2.00 6.45
CA ASP A 316 -5.20 -3.30 5.90
C ASP A 316 -4.21 -3.12 4.74
N ASN A 317 -2.92 -3.40 5.01
CA ASN A 317 -1.86 -3.22 4.01
C ASN A 317 -2.09 -4.06 2.75
N VAL A 318 -2.69 -5.23 2.88
CA VAL A 318 -2.92 -6.08 1.73
C VAL A 318 -4.14 -5.65 0.88
N ARG A 319 -5.31 -5.65 1.51
CA ARG A 319 -6.57 -5.35 0.85
C ARG A 319 -6.68 -3.88 0.46
N LYS A 320 -6.34 -2.98 1.40
CA LYS A 320 -6.56 -1.55 1.22
C LYS A 320 -5.34 -0.79 0.65
N GLY A 321 -4.24 -0.73 1.40
CA GLY A 321 -3.09 0.07 0.99
C GLY A 321 -2.60 -0.32 -0.40
N ALA A 322 -2.41 -1.62 -0.62
CA ALA A 322 -1.95 -2.11 -1.92
C ALA A 322 -3.11 -2.34 -2.91
N ALA A 323 -3.92 -3.38 -2.68
CA ALA A 323 -4.87 -3.87 -3.68
C ALA A 323 -6.02 -2.92 -4.07
N LEU A 324 -6.75 -2.41 -3.09
CA LEU A 324 -7.88 -1.54 -3.40
C LEU A 324 -7.40 -0.26 -4.08
N ASN A 325 -6.30 0.32 -3.61
CA ASN A 325 -5.79 1.52 -4.32
C ASN A 325 -5.47 1.24 -5.80
N ALA A 326 -4.87 0.08 -6.07
CA ALA A 326 -4.56 -0.31 -7.44
C ALA A 326 -5.84 -0.45 -8.27
N VAL A 327 -6.85 -1.10 -7.69
CA VAL A 327 -8.11 -1.31 -8.39
C VAL A 327 -8.84 0.02 -8.64
N LEU A 328 -8.87 0.89 -7.63
CA LEU A 328 -9.48 2.21 -7.78
C LEU A 328 -8.84 2.99 -8.93
N LEU A 329 -7.51 2.89 -9.07
CA LEU A 329 -6.76 3.48 -10.19
C LEU A 329 -7.18 2.89 -11.52
N GLY A 330 -7.32 1.57 -11.58
CA GLY A 330 -7.86 0.90 -12.75
C GLY A 330 -9.27 1.34 -13.10
N GLU A 331 -10.11 1.53 -12.09
CA GLU A 331 -11.47 2.04 -12.29
C GLU A 331 -11.46 3.45 -12.89
N LEU A 332 -10.50 4.27 -12.44
CA LEU A 332 -10.33 5.62 -12.98
C LEU A 332 -9.91 5.60 -14.45
N LEU A 333 -8.95 4.74 -14.78
CA LEU A 333 -8.45 4.58 -16.14
C LEU A 333 -9.56 4.12 -17.10
N ILE A 334 -10.43 3.24 -16.63
CA ILE A 334 -11.60 2.83 -17.41
C ILE A 334 -12.58 3.98 -17.62
N LYS A 335 -12.85 4.72 -16.54
CA LYS A 335 -13.93 5.70 -16.49
C LYS A 335 -13.78 6.80 -17.53
N HIS A 336 -12.71 7.60 -17.46
CA HIS A 336 -12.57 8.60 -18.53
C HIS A 336 -11.31 8.52 -19.40
N TYR A 337 -10.47 7.52 -19.19
CA TYR A 337 -9.36 7.30 -20.13
C TYR A 337 -9.61 6.10 -21.03
N LEU A 338 -10.89 5.90 -21.34
CA LEU A 338 -11.38 4.89 -22.29
C LEU A 338 -10.47 4.74 -23.51
C1 DIO B . 4.46 -7.70 -0.68
C2 DIO B . 2.66 -8.66 0.59
C1' DIO B . 4.16 -6.34 -0.04
C2' DIO B . 2.38 -7.32 1.27
O1 DIO B . 4.02 -8.76 0.17
O1' DIO B . 3.55 -6.49 1.26
C1 DIO C . -6.45 27.12 17.18
C2 DIO C . -8.42 26.61 18.48
C1' DIO C . -7.31 27.69 16.06
C2' DIO C . -9.28 27.25 17.37
O1 DIO C . -7.18 26.14 17.93
O1' DIO C . -8.64 27.15 16.09
C1 DIO D . 26.74 6.47 10.27
C2 DIO D . 24.56 6.29 9.27
C1' DIO D . 27.05 7.64 9.33
C2' DIO D . 24.90 7.40 8.28
O1 DIO D . 25.77 5.61 9.66
O1' DIO D . 26.32 7.50 8.10
C1 DIO E . 13.85 0.59 -6.93
C2 DIO E . 12.68 2.60 -7.52
C1' DIO E . 14.92 1.42 -6.23
C2' DIO E . 13.82 3.45 -6.94
O1 DIO E . 13.21 1.35 -7.97
O1' DIO E . 15.03 2.69 -6.92
C1 DIO F . -12.61 -16.47 -18.23
C2 DIO F . -13.74 -15.73 -16.28
C1' DIO F . -11.87 -15.16 -18.01
C2' DIO F . -13.57 -14.25 -16.56
O1 DIO F . -13.87 -16.40 -17.55
O1' DIO F . -12.82 -14.12 -17.77
C1 DIO G . -4.29 -20.38 -4.64
C2 DIO G . -2.57 -18.90 -3.81
C1' DIO G . -5.42 -19.59 -3.98
C2' DIO G . -3.72 -17.91 -3.67
O1 DIO G . -3.07 -20.23 -3.89
O1' DIO G . -4.88 -18.55 -3.15
C1 DIO H . 4.35 -13.66 -2.58
C2 DIO H . 4.25 -14.06 -0.23
C1' DIO H . 3.70 -12.37 -2.06
C2' DIO H . 2.82 -13.52 -0.15
O1 DIO H . 4.52 -14.62 -1.52
O1' DIO H . 2.57 -12.61 -1.20
C1 DIO I . -11.20 5.36 -0.91
C2 DIO I . -12.27 3.39 0.07
C1' DIO I . -12.26 5.34 -2.03
C2' DIO I . -13.17 3.28 -1.16
O1 DIO I . -11.05 4.09 -0.26
O1' DIO I . -13.44 4.59 -1.69
C1 DIO J . -1.67 -17.52 11.09
C2 DIO J . -3.03 -16.08 12.47
C1' DIO J . -2.53 -17.23 9.83
C2' DIO J . -3.71 -15.55 11.18
O1 DIO J . -2.51 -17.41 12.25
O1' DIO J . -3.81 -16.66 10.24
C1 DIO K . 27.29 0.83 7.94
C2 DIO K . 24.95 1.32 7.64
C1' DIO K . 27.42 2.12 8.79
C2' DIO K . 25.10 2.63 8.43
O1 DIO K . 26.19 0.93 7.04
O1' DIO K . 26.47 3.09 8.35
#